data_3LCR
#
_entry.id   3LCR
#
_cell.length_a   54.102
_cell.length_b   80.183
_cell.length_c   64.706
_cell.angle_alpha   90.000
_cell.angle_beta   103.760
_cell.angle_gamma   90.000
#
_symmetry.space_group_name_H-M   'P 1 21 1'
#
loop_
_entity.id
_entity.type
_entity.pdbx_description
1 polymer 'Tautomycetin biosynthetic PKS'
2 non-polymer 'DIMETHYL SULFOXIDE'
3 non-polymer 'FORMIC ACID'
4 water water
#
_entity_poly.entity_id   1
_entity_poly.type   'polypeptide(L)'
_entity_poly.pdbx_seq_one_letter_code
;MHHHHHHSSGVDLGTENLYFQSNAAQSDYFGELFLQAMRTGELAQAQQLMAGAAQLRLKYGDPAGPEAVPEIVRLGRGQL
GPQLILVCPTVMTTGPQVYSRLAEELDAGRRVSALVPPGFHGGQALPATLTVLVRSLADVVQAEVADGEFALAGHSSGGV
VAYEVARELEARGLAPRGVVLIDSYSFDGDGGRPEELFRSALNERFVEYLRLTGGGNLSQRITAQVWCLELLRGWRPEGL
TAPTLYVRPAQPLVEQEKPEWRGDVLAAMGQVVEAPGDHFTIIEGEHVASTAHIVGDWLREAHAHYSTEGWGGGLRTEE
;
_entity_poly.pdbx_strand_id   A,B
#
loop_
_chem_comp.id
_chem_comp.type
_chem_comp.name
_chem_comp.formula
DMS non-polymer 'DIMETHYL SULFOXIDE' 'C2 H6 O S'
FMT non-polymer 'FORMIC ACID' 'C H2 O2'
#
# COMPACT_ATOMS: atom_id res chain seq x y z
N SER A 27 11.11 -9.05 -3.31
CA SER A 27 10.24 -7.85 -3.52
C SER A 27 8.99 -7.84 -2.62
N ASP A 28 8.42 -6.66 -2.40
CA ASP A 28 7.10 -6.49 -1.79
C ASP A 28 6.12 -5.98 -2.85
N TYR A 29 4.83 -6.38 -2.79
CA TYR A 29 3.91 -5.93 -3.88
C TYR A 29 3.85 -4.41 -4.02
N PHE A 30 3.55 -3.70 -2.93
CA PHE A 30 3.55 -2.25 -2.95
C PHE A 30 4.94 -1.67 -3.11
N GLY A 31 5.92 -2.37 -2.55
CA GLY A 31 7.34 -2.06 -2.72
C GLY A 31 7.74 -2.01 -4.18
N GLU A 32 7.28 -2.97 -4.98
CA GLU A 32 7.55 -2.94 -6.41
C GLU A 32 6.87 -1.76 -7.12
N LEU A 33 5.66 -1.43 -6.69
CA LEU A 33 4.97 -0.26 -7.22
C LEU A 33 5.73 1.03 -6.88
N PHE A 34 6.31 1.10 -5.70
CA PHE A 34 7.11 2.25 -5.28
C PHE A 34 8.38 2.37 -6.15
N LEU A 35 9.06 1.24 -6.36
CA LEU A 35 10.24 1.21 -7.24
C LEU A 35 9.86 1.65 -8.65
N GLN A 36 8.75 1.10 -9.17
CA GLN A 36 8.26 1.46 -10.50
C GLN A 36 7.92 2.95 -10.63
N ALA A 37 7.20 3.49 -9.64
CA ALA A 37 6.84 4.92 -9.60
C ALA A 37 8.03 5.86 -9.75
N MET A 38 9.16 5.51 -9.13
CA MET A 38 10.37 6.33 -9.23
C MET A 38 10.78 6.46 -10.69
N ARG A 39 10.73 5.34 -11.41
CA ARG A 39 11.14 5.28 -12.81
C ARG A 39 10.16 5.95 -13.78
N THR A 40 8.93 6.21 -13.31
CA THR A 40 7.88 6.76 -14.17
C THR A 40 7.48 8.20 -13.83
N GLY A 41 8.14 8.80 -12.84
CA GLY A 41 7.82 10.18 -12.43
C GLY A 41 6.55 10.29 -11.61
N GLU A 42 6.12 9.16 -11.03
CA GLU A 42 4.92 9.11 -10.19
C GLU A 42 5.28 8.97 -8.70
N LEU A 43 6.51 9.33 -8.34
CA LEU A 43 7.01 9.18 -6.96
C LEU A 43 6.19 9.93 -5.90
N ALA A 44 5.57 11.05 -6.27
CA ALA A 44 4.71 11.76 -5.32
C ALA A 44 3.57 10.87 -4.84
N GLN A 45 2.86 10.22 -5.78
CA GLN A 45 1.74 9.36 -5.41
C GLN A 45 2.21 8.17 -4.56
N ALA A 46 3.39 7.62 -4.91
CA ALA A 46 3.91 6.44 -4.17
C ALA A 46 4.24 6.80 -2.72
N GLN A 47 4.74 8.00 -2.53
CA GLN A 47 5.00 8.53 -1.20
C GLN A 47 3.73 8.67 -0.37
N GLN A 48 2.68 9.20 -0.99
CA GLN A 48 1.38 9.35 -0.33
C GLN A 48 0.82 7.99 0.18
N LEU A 49 1.04 6.94 -0.60
CA LEU A 49 0.66 5.57 -0.24
C LEU A 49 1.39 5.04 0.99
N MET A 50 2.70 5.22 1.01
CA MET A 50 3.53 4.84 2.15
C MET A 50 3.11 5.62 3.40
N ALA A 51 2.78 6.90 3.23
CA ALA A 51 2.25 7.73 4.32
C ALA A 51 0.93 7.19 4.88
N GLY A 52 0.04 6.79 3.99
CA GLY A 52 -1.27 6.23 4.38
C GLY A 52 -1.07 4.92 5.12
N ALA A 53 -0.13 4.11 4.62
CA ALA A 53 0.23 2.86 5.29
C ALA A 53 0.84 3.10 6.67
N ALA A 54 1.71 4.12 6.77
CA ALA A 54 2.33 4.46 8.04
C ALA A 54 1.29 4.85 9.07
N GLN A 55 0.26 5.56 8.60
CA GLN A 55 -0.84 5.97 9.46
C GLN A 55 -1.59 4.75 10.00
N LEU A 56 -1.79 3.74 9.16
CA LEU A 56 -2.46 2.50 9.56
C LEU A 56 -1.65 1.59 10.47
N ARG A 57 -0.32 1.67 10.41
CA ARG A 57 0.54 0.75 11.17
C ARG A 57 0.30 0.79 12.68
N LEU A 58 0.47 -0.36 13.33
CA LEU A 58 0.48 -0.45 14.78
C LEU A 58 1.50 0.52 15.41
N LYS A 59 1.10 1.20 16.48
CA LYS A 59 1.99 2.10 17.21
C LYS A 59 2.08 1.70 18.68
N TYR A 60 3.16 2.07 19.36
CA TYR A 60 3.25 1.83 20.80
C TYR A 60 3.47 3.15 21.51
N GLY A 61 3.16 3.19 22.81
CA GLY A 61 3.45 4.37 23.62
C GLY A 61 2.42 4.69 24.67
N GLU A 67 5.21 -2.12 22.84
CA GLU A 67 6.13 -1.46 23.78
C GLU A 67 7.59 -1.86 23.50
N ALA A 68 8.10 -1.39 22.36
CA ALA A 68 9.41 -1.81 21.82
C ALA A 68 10.64 -1.27 22.55
N VAL A 69 11.66 -2.11 22.64
CA VAL A 69 12.94 -1.75 23.21
C VAL A 69 13.96 -1.68 22.08
N PRO A 70 14.41 -0.45 21.73
CA PRO A 70 15.35 -0.24 20.64
C PRO A 70 16.63 -1.07 20.81
N GLU A 71 17.12 -1.63 19.71
CA GLU A 71 18.34 -2.42 19.71
C GLU A 71 19.59 -1.54 19.91
N ILE A 72 20.49 -2.00 20.78
CA ILE A 72 21.82 -1.40 20.88
C ILE A 72 22.90 -2.44 20.54
N VAL A 73 23.79 -2.11 19.60
CA VAL A 73 24.79 -3.05 19.11
C VAL A 73 26.20 -2.44 19.27
N ARG A 74 27.10 -3.20 19.87
CA ARG A 74 28.50 -2.80 19.95
C ARG A 74 29.12 -2.86 18.54
N LEU A 75 29.89 -1.84 18.17
CA LEU A 75 30.62 -1.79 16.91
C LEU A 75 32.13 -1.73 17.18
N GLY A 76 32.90 -2.55 16.47
CA GLY A 76 34.35 -2.62 16.68
C GLY A 76 34.74 -3.34 17.96
N ARG A 77 36.05 -3.31 18.27
CA ARG A 77 36.65 -4.21 19.26
C ARG A 77 37.04 -3.60 20.62
N GLY A 78 37.22 -2.27 20.66
CA GLY A 78 37.61 -1.58 21.88
C GLY A 78 36.81 -2.04 23.10
N GLN A 79 37.50 -2.33 24.18
CA GLN A 79 36.84 -2.80 25.40
C GLN A 79 36.97 -1.79 26.54
N LEU A 80 37.71 -0.70 26.27
CA LEU A 80 38.00 0.29 27.29
C LEU A 80 37.66 1.71 26.83
N GLY A 81 37.53 2.61 27.79
CA GLY A 81 37.36 4.02 27.51
C GLY A 81 35.91 4.45 27.56
N PRO A 82 35.68 5.75 27.31
CA PRO A 82 34.34 6.33 27.32
C PRO A 82 33.47 5.72 26.23
N GLN A 83 32.17 5.75 26.45
CA GLN A 83 31.24 5.19 25.49
C GLN A 83 30.76 6.25 24.50
N LEU A 84 30.76 5.90 23.22
CA LEU A 84 30.18 6.77 22.21
C LEU A 84 28.96 6.04 21.64
N ILE A 85 27.79 6.65 21.74
CA ILE A 85 26.59 6.03 21.22
C ILE A 85 26.15 6.69 19.92
N LEU A 86 26.24 5.94 18.82
CA LEU A 86 25.83 6.41 17.50
C LEU A 86 24.35 6.09 17.28
N VAL A 87 23.52 7.14 17.17
CA VAL A 87 22.07 6.96 16.98
C VAL A 87 21.79 6.87 15.50
N CYS A 88 21.29 5.71 15.07
CA CYS A 88 20.99 5.47 13.65
C CYS A 88 19.85 6.37 13.18
N PRO A 89 19.91 6.84 11.91
CA PRO A 89 18.89 7.72 11.37
C PRO A 89 17.55 6.98 11.22
N THR A 90 16.47 7.74 11.20
CA THR A 90 15.12 7.16 11.02
C THR A 90 14.75 7.12 9.54
N VAL A 91 15.50 6.33 8.76
CA VAL A 91 15.32 6.25 7.31
C VAL A 91 15.38 4.80 6.85
N MET A 92 14.93 4.54 5.61
CA MET A 92 14.67 3.16 5.17
C MET A 92 15.91 2.26 5.23
N THR A 93 17.09 2.85 5.23
CA THR A 93 18.34 2.11 5.23
C THR A 93 18.85 1.83 6.64
N THR A 94 18.12 2.27 7.65
CA THR A 94 18.66 2.24 9.01
C THR A 94 19.08 0.86 9.52
N GLY A 95 20.13 0.85 10.34
CA GLY A 95 20.67 -0.37 10.94
C GLY A 95 22.12 -0.08 11.32
N PRO A 96 22.73 -0.95 12.15
CA PRO A 96 24.12 -0.73 12.62
C PRO A 96 25.14 -0.51 11.50
N GLN A 97 24.90 -1.15 10.35
CA GLN A 97 25.85 -1.18 9.23
C GLN A 97 26.13 0.19 8.61
N VAL A 98 25.14 1.09 8.65
CA VAL A 98 25.35 2.48 8.16
C VAL A 98 26.57 3.14 8.79
N TYR A 99 26.89 2.75 10.03
CA TYR A 99 28.00 3.37 10.78
C TYR A 99 29.23 2.47 10.87
N SER A 100 29.29 1.39 10.08
CA SER A 100 30.43 0.44 10.20
C SER A 100 31.80 1.07 9.96
N ARG A 101 31.97 1.77 8.84
CA ARG A 101 33.21 2.49 8.54
C ARG A 101 33.52 3.55 9.61
N LEU A 102 32.50 4.33 9.98
CA LEU A 102 32.69 5.42 10.93
C LEU A 102 33.15 4.90 12.29
N ALA A 103 32.50 3.83 12.76
CA ALA A 103 32.88 3.20 14.03
C ALA A 103 34.33 2.71 14.07
N GLU A 104 34.77 2.10 12.96
CA GLU A 104 36.10 1.53 12.84
C GLU A 104 37.15 2.62 12.97
N GLU A 105 36.86 3.77 12.37
CA GLU A 105 37.74 4.93 12.39
C GLU A 105 37.80 5.56 13.76
N LEU A 106 36.75 5.36 14.55
CA LEU A 106 36.66 5.95 15.87
C LEU A 106 36.89 4.97 17.02
N ASP A 107 37.20 3.72 16.68
CA ASP A 107 37.25 2.64 17.67
C ASP A 107 38.41 2.73 18.69
N ALA A 108 39.47 3.47 18.36
CA ALA A 108 40.65 3.60 19.21
C ALA A 108 40.35 4.28 20.55
N GLY A 109 40.56 3.54 21.64
CA GLY A 109 40.40 4.08 22.99
C GLY A 109 39.01 4.48 23.45
N ARG A 110 37.99 3.87 22.84
CA ARG A 110 36.59 4.13 23.23
C ARG A 110 35.67 2.94 22.87
N ARG A 111 34.48 2.91 23.46
CA ARG A 111 33.51 1.84 23.19
C ARG A 111 32.36 2.40 22.37
N VAL A 112 32.28 1.98 21.13
CA VAL A 112 31.33 2.53 20.17
C VAL A 112 30.15 1.58 20.00
N SER A 113 28.94 2.13 20.10
CA SER A 113 27.71 1.37 19.91
C SER A 113 26.80 2.10 18.93
N ALA A 114 25.96 1.34 18.24
CA ALA A 114 24.90 1.90 17.42
C ALA A 114 23.56 1.58 18.09
N LEU A 115 22.68 2.57 18.11
CA LEU A 115 21.38 2.43 18.71
C LEU A 115 20.36 2.59 17.59
N VAL A 116 19.51 1.58 17.44
CA VAL A 116 18.59 1.47 16.29
C VAL A 116 17.15 1.84 16.65
N PRO A 117 16.58 2.86 15.97
CA PRO A 117 15.19 3.23 16.24
C PRO A 117 14.22 2.13 15.83
N PRO A 118 13.13 1.96 16.61
CA PRO A 118 12.25 0.80 16.42
C PRO A 118 11.34 1.00 15.21
N GLY A 119 10.91 -0.09 14.60
CA GLY A 119 9.85 -0.05 13.61
C GLY A 119 10.28 -0.38 12.19
N PHE A 120 11.58 -0.48 11.99
CA PHE A 120 12.14 -0.67 10.66
C PHE A 120 12.43 -2.14 10.36
N HIS A 121 12.55 -2.96 11.41
CA HIS A 121 12.88 -4.39 11.32
C HIS A 121 11.81 -5.25 11.99
N GLY A 122 11.77 -6.53 11.63
CA GLY A 122 10.96 -7.53 12.35
C GLY A 122 9.52 -7.14 12.60
N GLY A 123 9.00 -7.46 13.78
CA GLY A 123 7.62 -7.11 14.12
C GLY A 123 7.43 -5.85 14.97
N GLN A 124 8.42 -4.96 14.99
CA GLN A 124 8.42 -3.77 15.86
C GLN A 124 7.35 -2.74 15.49
N ALA A 125 6.59 -2.27 16.49
CA ALA A 125 5.63 -1.20 16.27
C ALA A 125 6.37 0.14 16.17
N LEU A 126 5.71 1.13 15.57
CA LEU A 126 6.28 2.47 15.46
C LEU A 126 5.97 3.28 16.72
N PRO A 127 6.84 4.24 17.08
CA PRO A 127 6.55 5.07 18.25
C PRO A 127 5.41 6.04 17.97
N ALA A 128 4.42 6.14 18.86
CA ALA A 128 3.24 6.97 18.57
C ALA A 128 3.59 8.45 18.38
N THR A 129 4.64 8.90 19.06
CA THR A 129 5.03 10.30 19.09
C THR A 129 6.54 10.41 19.21
N LEU A 130 7.07 11.59 18.92
CA LEU A 130 8.49 11.85 19.16
C LEU A 130 8.89 11.66 20.64
N THR A 131 8.05 12.10 21.56
CA THR A 131 8.30 11.93 23.00
C THR A 131 8.45 10.43 23.35
N VAL A 132 7.60 9.59 22.78
CA VAL A 132 7.69 8.15 23.01
C VAL A 132 9.00 7.59 22.47
N LEU A 133 9.35 7.97 21.24
CA LEU A 133 10.60 7.55 20.63
C LEU A 133 11.79 7.94 21.49
N VAL A 134 11.84 9.21 21.86
CA VAL A 134 12.96 9.74 22.60
C VAL A 134 13.11 9.03 23.98
N ARG A 135 12.00 8.79 24.66
CA ARG A 135 12.00 8.14 25.98
C ARG A 135 12.51 6.69 25.89
N SER A 136 12.02 5.95 24.90
CA SER A 136 12.46 4.59 24.60
C SER A 136 13.98 4.56 24.45
N LEU A 137 14.51 5.45 23.62
CA LEU A 137 15.93 5.47 23.34
C LEU A 137 16.76 5.93 24.54
N ALA A 138 16.27 6.94 25.27
CA ALA A 138 16.93 7.41 26.50
C ALA A 138 17.04 6.33 27.57
N ASP A 139 16.00 5.52 27.69
CA ASP A 139 15.98 4.39 28.64
C ASP A 139 17.07 3.36 28.34
N VAL A 140 17.27 3.08 27.05
CA VAL A 140 18.34 2.16 26.63
C VAL A 140 19.73 2.75 26.87
N VAL A 141 19.90 4.04 26.56
CA VAL A 141 21.18 4.69 26.78
C VAL A 141 21.50 4.76 28.27
N GLN A 142 20.52 5.17 29.08
CA GLN A 142 20.68 5.23 30.54
C GLN A 142 21.22 3.91 31.10
N ALA A 143 20.60 2.80 30.70
CA ALA A 143 20.98 1.46 31.13
C ALA A 143 22.35 1.05 30.61
N GLU A 144 22.68 1.48 29.39
CA GLU A 144 23.98 1.20 28.78
C GLU A 144 25.14 1.86 29.53
N VAL A 145 25.00 3.15 29.83
CA VAL A 145 26.13 3.95 30.30
C VAL A 145 26.20 4.09 31.83
N ALA A 146 25.06 3.90 32.51
CA ALA A 146 24.95 4.13 33.96
C ALA A 146 25.54 5.49 34.35
N ASP A 147 26.68 5.48 35.02
CA ASP A 147 27.34 6.71 35.48
C ASP A 147 28.71 6.94 34.86
N GLY A 148 29.07 6.13 33.86
CA GLY A 148 30.32 6.34 33.12
C GLY A 148 30.16 7.49 32.15
N GLU A 149 31.29 8.06 31.74
CA GLU A 149 31.33 9.11 30.72
C GLU A 149 30.84 8.59 29.38
N PHE A 150 30.05 9.40 28.68
CA PHE A 150 29.58 9.04 27.34
C PHE A 150 29.28 10.29 26.52
N ALA A 151 29.19 10.09 25.21
CA ALA A 151 28.68 11.08 24.27
C ALA A 151 27.80 10.41 23.22
N LEU A 152 27.07 11.23 22.47
CA LEU A 152 26.16 10.78 21.43
C LEU A 152 26.49 11.44 20.10
N ALA A 153 26.28 10.72 19.01
CA ALA A 153 26.43 11.28 17.67
C ALA A 153 25.39 10.67 16.74
N GLY A 154 25.04 11.38 15.68
CA GLY A 154 24.07 10.84 14.73
C GLY A 154 24.18 11.53 13.39
N HIS A 155 23.92 10.76 12.34
CA HIS A 155 23.91 11.30 11.00
C HIS A 155 22.48 11.72 10.67
N SER A 156 22.32 12.96 10.18
CA SER A 156 21.06 13.49 9.69
C SER A 156 19.96 13.38 10.77
N SER A 157 18.84 12.69 10.48
CA SER A 157 17.77 12.47 11.48
C SER A 157 18.29 11.79 12.73
N GLY A 158 19.35 10.99 12.59
CA GLY A 158 20.04 10.37 13.71
C GLY A 158 20.66 11.42 14.64
N GLY A 159 21.16 12.52 14.05
CA GLY A 159 21.71 13.63 14.84
C GLY A 159 20.63 14.38 15.55
N VAL A 160 19.51 14.57 14.84
CA VAL A 160 18.35 15.22 15.43
C VAL A 160 17.90 14.43 16.67
N VAL A 161 17.74 13.12 16.49
CA VAL A 161 17.23 12.26 17.56
C VAL A 161 18.27 12.17 18.72
N ALA A 162 19.55 12.07 18.38
CA ALA A 162 20.64 12.16 19.38
C ALA A 162 20.53 13.40 20.27
N TYR A 163 20.25 14.55 19.67
CA TYR A 163 20.13 15.80 20.41
C TYR A 163 18.96 15.73 21.42
N GLU A 164 17.83 15.21 20.95
CA GLU A 164 16.64 15.03 21.80
C GLU A 164 16.83 14.04 22.96
N VAL A 165 17.52 12.92 22.68
CA VAL A 165 17.88 11.93 23.69
C VAL A 165 18.84 12.53 24.74
N ALA A 166 19.82 13.32 24.28
CA ALA A 166 20.70 14.06 25.18
C ALA A 166 19.92 14.97 26.13
N ARG A 167 18.97 15.74 25.59
CA ARG A 167 18.16 16.64 26.41
C ARG A 167 17.39 15.86 27.48
N GLU A 168 16.82 14.71 27.09
CA GLU A 168 16.06 13.88 28.02
C GLU A 168 16.96 13.32 29.12
N LEU A 169 18.16 12.88 28.76
CA LEU A 169 19.11 12.37 29.77
C LEU A 169 19.57 13.47 30.74
N GLU A 170 19.72 14.70 30.22
CA GLU A 170 20.03 15.85 31.07
C GLU A 170 18.88 16.16 32.06
N ALA A 171 17.64 15.94 31.62
CA ALA A 171 16.48 16.10 32.50
C ALA A 171 16.50 15.07 33.62
N ARG A 172 17.03 13.88 33.32
CA ARG A 172 17.14 12.80 34.29
C ARG A 172 18.40 12.92 35.13
N GLY A 173 19.20 13.97 34.92
CA GLY A 173 20.39 14.24 35.72
C GLY A 173 21.69 13.62 35.21
N LEU A 174 21.68 13.10 33.99
CA LEU A 174 22.90 12.60 33.38
C LEU A 174 23.64 13.74 32.70
N ALA A 175 24.93 13.54 32.43
CA ALA A 175 25.77 14.57 31.80
C ALA A 175 26.58 14.07 30.59
N PRO A 176 25.89 13.85 29.44
CA PRO A 176 26.61 13.54 28.20
C PRO A 176 27.71 14.58 27.96
N ARG A 177 28.86 14.12 27.47
CA ARG A 177 30.00 15.03 27.30
C ARG A 177 29.90 15.83 25.99
N GLY A 178 29.02 15.39 25.11
CA GLY A 178 28.83 16.07 23.83
C GLY A 178 27.83 15.38 22.96
N VAL A 179 27.34 16.11 21.95
CA VAL A 179 26.52 15.53 20.91
C VAL A 179 27.07 16.01 19.57
N VAL A 180 27.25 15.08 18.65
CA VAL A 180 27.69 15.40 17.30
C VAL A 180 26.57 15.15 16.31
N LEU A 181 26.22 16.17 15.53
CA LEU A 181 25.20 16.01 14.49
C LEU A 181 25.89 16.14 13.14
N ILE A 182 25.65 15.17 12.24
CA ILE A 182 26.28 15.20 10.91
C ILE A 182 25.25 15.53 9.85
N ASP A 183 25.34 16.76 9.35
CA ASP A 183 24.41 17.29 8.36
C ASP A 183 22.91 17.14 8.69
N SER A 184 22.52 17.46 9.92
CA SER A 184 21.12 17.44 10.30
C SER A 184 20.40 18.68 9.73
N TYR A 185 19.14 18.51 9.36
CA TYR A 185 18.36 19.60 8.75
C TYR A 185 16.92 19.42 9.26
N SER A 186 16.08 20.42 9.00
CA SER A 186 14.69 20.36 9.46
C SER A 186 13.87 21.12 8.43
N PHE A 187 12.84 20.50 7.89
CA PHE A 187 12.05 21.17 6.85
C PHE A 187 11.11 22.20 7.43
N ASP A 188 11.06 23.36 6.77
CA ASP A 188 10.27 24.50 7.18
C ASP A 188 8.89 24.47 6.50
N GLY A 189 7.88 24.87 7.25
CA GLY A 189 6.52 24.91 6.72
C GLY A 189 5.97 23.55 6.35
N ASP A 190 5.17 23.54 5.29
CA ASP A 190 4.41 22.36 4.90
C ASP A 190 5.00 21.67 3.66
N GLY A 191 5.74 22.43 2.85
CA GLY A 191 6.40 21.84 1.67
C GLY A 191 7.09 22.85 0.77
N GLY A 192 7.17 22.52 -0.52
CA GLY A 192 7.82 23.37 -1.54
C GLY A 192 8.58 22.54 -2.58
N ARG A 193 8.85 23.16 -3.73
CA ARG A 193 9.55 22.47 -4.83
C ARG A 193 11.02 22.11 -4.51
N PRO A 194 11.80 23.05 -3.93
CA PRO A 194 13.14 22.66 -3.47
C PRO A 194 13.14 21.44 -2.56
N GLU A 195 12.15 21.37 -1.66
CA GLU A 195 12.03 20.24 -0.75
C GLU A 195 11.86 18.92 -1.52
N GLU A 196 10.99 18.93 -2.52
CA GLU A 196 10.68 17.75 -3.32
C GLU A 196 11.96 17.22 -3.98
N LEU A 197 12.71 18.12 -4.60
CA LEU A 197 13.97 17.81 -5.28
C LEU A 197 15.01 17.24 -4.31
N PHE A 198 15.12 17.83 -3.12
CA PHE A 198 16.06 17.35 -2.12
C PHE A 198 15.68 15.95 -1.62
N ARG A 199 14.40 15.79 -1.26
CA ARG A 199 13.91 14.48 -0.81
C ARG A 199 14.03 13.42 -1.90
N SER A 200 13.79 13.82 -3.15
CA SER A 200 13.95 12.89 -4.25
C SER A 200 15.41 12.43 -4.36
N ALA A 201 16.34 13.37 -4.17
CA ALA A 201 17.78 13.03 -4.20
C ALA A 201 18.17 12.09 -3.05
N LEU A 202 17.60 12.33 -1.87
CA LEU A 202 17.84 11.45 -0.73
C LEU A 202 17.33 10.05 -1.05
N ASN A 203 16.10 10.00 -1.55
CA ASN A 203 15.44 8.74 -1.95
C ASN A 203 16.26 7.92 -2.94
N GLU A 204 16.86 8.58 -3.94
CA GLU A 204 17.77 7.89 -4.89
C GLU A 204 18.83 7.06 -4.17
N ARG A 205 19.51 7.68 -3.18
CA ARG A 205 20.61 7.03 -2.48
C ARG A 205 20.13 5.95 -1.53
N PHE A 206 19.01 6.22 -0.83
CA PHE A 206 18.40 5.26 0.09
C PHE A 206 18.05 3.95 -0.62
N VAL A 207 17.32 4.07 -1.73
CA VAL A 207 16.86 2.91 -2.50
C VAL A 207 18.05 2.15 -3.08
N GLU A 208 19.06 2.88 -3.58
CA GLU A 208 20.24 2.24 -4.18
C GLU A 208 21.03 1.43 -3.15
N TYR A 209 21.22 2.00 -1.96
CA TYR A 209 21.81 1.29 -0.84
C TYR A 209 21.07 -0.03 -0.56
N LEU A 210 19.74 0.03 -0.44
CA LEU A 210 18.94 -1.17 -0.14
C LEU A 210 18.98 -2.21 -1.27
N ARG A 211 19.00 -1.76 -2.52
CA ARG A 211 19.17 -2.64 -3.68
C ARG A 211 20.50 -3.38 -3.62
N LEU A 212 21.55 -2.66 -3.25
CA LEU A 212 22.93 -3.19 -3.16
C LEU A 212 23.13 -4.05 -1.91
N THR A 213 22.64 -3.53 -0.78
CA THR A 213 22.65 -4.19 0.53
C THR A 213 21.84 -5.49 0.53
N GLY A 214 20.94 -5.62 -0.42
CA GLY A 214 20.10 -6.80 -0.54
C GLY A 214 18.87 -6.68 0.34
N GLY A 215 18.83 -5.60 1.13
CA GLY A 215 17.73 -5.29 2.05
C GLY A 215 16.36 -5.76 1.62
N GLY A 216 15.61 -6.30 2.57
CA GLY A 216 14.26 -6.80 2.31
C GLY A 216 13.22 -5.91 2.97
N ASN A 217 11.99 -6.37 3.01
CA ASN A 217 10.90 -5.67 3.69
C ASN A 217 10.91 -4.18 3.34
N LEU A 218 10.79 -3.87 2.05
CA LEU A 218 10.88 -2.51 1.56
C LEU A 218 9.72 -1.64 2.06
N SER A 219 8.51 -2.18 2.09
CA SER A 219 7.38 -1.42 2.61
C SER A 219 7.49 -1.15 4.10
N GLN A 220 7.98 -2.13 4.86
CA GLN A 220 8.16 -1.93 6.28
C GLN A 220 9.14 -0.79 6.53
N ARG A 221 10.20 -0.72 5.72
CA ARG A 221 11.27 0.27 5.91
C ARG A 221 10.86 1.68 5.51
N ILE A 222 10.15 1.78 4.38
CA ILE A 222 9.71 3.07 3.88
C ILE A 222 8.60 3.64 4.73
N THR A 223 7.65 2.82 5.15
CA THR A 223 6.57 3.31 6.02
C THR A 223 7.12 3.82 7.37
N ALA A 224 8.12 3.12 7.91
CA ALA A 224 8.75 3.55 9.15
C ALA A 224 9.50 4.90 8.98
N GLN A 225 10.19 5.04 7.85
CA GLN A 225 10.87 6.29 7.51
C GLN A 225 9.87 7.42 7.41
N VAL A 226 8.80 7.21 6.66
CA VAL A 226 7.84 8.28 6.40
C VAL A 226 7.20 8.73 7.73
N TRP A 227 6.81 7.76 8.55
CA TRP A 227 6.27 8.04 9.87
C TRP A 227 7.23 8.87 10.73
N CYS A 228 8.46 8.40 10.82
CA CYS A 228 9.44 8.95 11.75
C CYS A 228 9.93 10.32 11.30
N LEU A 229 10.16 10.51 10.01
CA LEU A 229 10.55 11.85 9.52
C LEU A 229 9.45 12.87 9.73
N GLU A 230 8.20 12.45 9.62
CA GLU A 230 7.10 13.37 9.92
C GLU A 230 7.12 13.84 11.37
N LEU A 231 7.48 12.96 12.30
CA LEU A 231 7.63 13.33 13.71
C LEU A 231 8.67 14.45 13.93
N LEU A 232 9.59 14.59 12.99
CA LEU A 232 10.69 15.54 13.13
C LEU A 232 10.43 16.84 12.40
N ARG A 233 9.25 16.99 11.81
CA ARG A 233 9.02 18.16 10.99
C ARG A 233 8.88 19.39 11.89
N GLY A 234 9.56 20.48 11.49
CA GLY A 234 9.59 21.70 12.28
C GLY A 234 10.42 21.58 13.55
N TRP A 235 11.29 20.57 13.62
CA TRP A 235 12.14 20.41 14.81
C TRP A 235 13.14 21.53 14.89
N ARG A 236 13.27 22.10 16.08
CA ARG A 236 14.37 23.04 16.36
C ARG A 236 15.04 22.68 17.69
N PRO A 237 16.39 22.80 17.73
CA PRO A 237 17.11 22.51 18.98
C PRO A 237 16.74 23.55 20.02
N GLU A 238 16.23 23.10 21.17
CA GLU A 238 15.61 23.99 22.15
C GLU A 238 16.51 24.33 23.32
N GLY A 239 17.64 23.64 23.43
CA GLY A 239 18.57 23.91 24.51
C GLY A 239 19.17 22.63 25.05
N LEU A 240 20.48 22.63 25.20
CA LEU A 240 21.18 21.46 25.69
C LEU A 240 22.39 21.98 26.41
N THR A 241 22.67 21.47 27.59
CA THR A 241 23.84 21.96 28.31
C THR A 241 25.16 21.39 27.76
N ALA A 242 25.15 20.14 27.30
CA ALA A 242 26.34 19.53 26.70
C ALA A 242 26.74 20.28 25.43
N PRO A 243 28.06 20.34 25.14
CA PRO A 243 28.53 21.02 23.93
C PRO A 243 28.08 20.25 22.72
N THR A 244 27.93 20.95 21.60
CA THR A 244 27.52 20.29 20.38
C THR A 244 28.49 20.65 19.29
N LEU A 245 28.64 19.71 18.36
CA LEU A 245 29.43 19.88 17.14
C LEU A 245 28.52 19.54 15.96
N TYR A 246 28.49 20.40 14.96
CA TYR A 246 27.79 20.13 13.73
C TYR A 246 28.82 19.97 12.62
N VAL A 247 28.77 18.82 11.95
CA VAL A 247 29.62 18.56 10.80
C VAL A 247 28.84 18.81 9.49
N ARG A 248 29.32 19.74 8.70
CA ARG A 248 28.66 20.09 7.45
C ARG A 248 29.45 19.57 6.24
N PRO A 249 28.80 18.78 5.37
CA PRO A 249 29.48 18.31 4.16
C PRO A 249 29.74 19.49 3.23
N ALA A 250 30.94 19.54 2.67
CA ALA A 250 31.30 20.59 1.73
C ALA A 250 30.44 20.56 0.47
N GLN A 251 30.02 19.37 0.06
CA GLN A 251 29.32 19.22 -1.22
C GLN A 251 27.84 19.00 -0.96
N PRO A 252 26.97 19.83 -1.57
CA PRO A 252 25.52 19.66 -1.48
C PRO A 252 25.01 18.56 -2.41
N LEU A 253 23.77 18.10 -2.16
CA LEU A 253 23.12 17.08 -2.97
C LEU A 253 22.49 17.63 -4.24
N VAL A 254 21.83 18.78 -4.11
CA VAL A 254 21.14 19.42 -5.24
C VAL A 254 21.41 20.91 -5.23
N GLU A 255 21.02 21.60 -6.30
CA GLU A 255 21.28 23.04 -6.44
C GLU A 255 20.42 23.91 -5.54
N GLN A 256 19.19 23.51 -5.34
CA GLN A 256 18.20 24.36 -4.70
C GLN A 256 18.01 24.00 -3.22
N GLU A 257 19.07 23.99 -2.43
CA GLU A 257 18.93 23.72 -0.98
C GLU A 257 18.69 25.03 -0.24
N LYS A 258 17.65 25.07 0.60
CA LYS A 258 17.30 26.29 1.31
C LYS A 258 18.10 26.41 2.61
N PRO A 259 18.69 27.60 2.85
CA PRO A 259 19.44 27.86 4.08
C PRO A 259 18.55 27.70 5.33
N GLU A 260 17.25 27.95 5.19
CA GLU A 260 16.30 27.76 6.28
C GLU A 260 16.30 26.33 6.82
N TRP A 261 16.67 25.36 5.98
CA TRP A 261 16.69 23.95 6.40
C TRP A 261 17.71 23.66 7.48
N ARG A 262 18.75 24.50 7.57
CA ARG A 262 19.81 24.28 8.54
C ARG A 262 19.98 25.45 9.51
N GLY A 263 19.40 26.60 9.17
CA GLY A 263 19.67 27.85 9.86
C GLY A 263 19.43 27.84 11.35
N ASP A 264 18.24 27.42 11.77
CA ASP A 264 17.91 27.33 13.19
C ASP A 264 18.66 26.19 13.87
N VAL A 265 19.05 25.17 13.11
CA VAL A 265 19.85 24.09 13.66
C VAL A 265 21.24 24.64 13.98
N LEU A 266 21.89 25.24 12.98
CA LEU A 266 23.23 25.81 13.11
C LEU A 266 23.33 26.81 14.26
N ALA A 267 22.29 27.63 14.42
CA ALA A 267 22.27 28.68 15.43
C ALA A 267 22.42 28.15 16.86
N ALA A 268 22.04 26.89 17.07
CA ALA A 268 22.14 26.30 18.39
C ALA A 268 23.38 25.41 18.55
N MET A 269 24.22 25.33 17.51
CA MET A 269 25.39 24.47 17.56
C MET A 269 26.54 25.20 18.23
N GLY A 270 27.29 24.48 19.08
CA GLY A 270 28.42 25.11 19.79
C GLY A 270 29.57 25.38 18.83
N GLN A 271 29.66 24.55 17.81
CA GLN A 271 30.74 24.61 16.83
C GLN A 271 30.23 23.99 15.54
N VAL A 272 30.61 24.57 14.41
CA VAL A 272 30.27 24.06 13.08
C VAL A 272 31.56 23.89 12.29
N VAL A 273 31.74 22.72 11.69
CA VAL A 273 32.94 22.43 10.91
C VAL A 273 32.52 21.91 9.54
N GLU A 274 33.14 22.45 8.50
CA GLU A 274 32.95 21.92 7.16
C GLU A 274 33.89 20.72 6.96
N ALA A 275 33.41 19.67 6.30
CA ALA A 275 34.22 18.48 6.02
C ALA A 275 34.07 18.04 4.55
N PRO A 276 35.15 17.47 3.94
CA PRO A 276 35.02 16.95 2.57
C PRO A 276 33.91 15.89 2.44
N GLY A 277 33.21 15.89 1.31
CA GLY A 277 32.22 14.86 1.02
C GLY A 277 30.86 15.47 0.90
N ASP A 278 29.86 14.63 0.58
CA ASP A 278 28.47 15.10 0.53
C ASP A 278 27.64 14.51 1.67
N HIS A 279 26.33 14.74 1.66
CA HIS A 279 25.43 14.29 2.74
C HIS A 279 25.67 12.86 3.19
N PHE A 280 25.87 11.97 2.23
CA PHE A 280 26.14 10.55 2.45
C PHE A 280 27.62 10.15 2.49
N THR A 281 28.44 10.67 1.57
CA THR A 281 29.83 10.18 1.47
C THR A 281 30.71 10.65 2.63
N ILE A 282 30.21 11.66 3.34
CA ILE A 282 30.85 12.13 4.55
C ILE A 282 31.20 10.99 5.50
N ILE A 283 30.36 9.94 5.53
CA ILE A 283 30.64 8.76 6.37
C ILE A 283 30.78 7.45 5.55
N GLU A 284 31.03 7.59 4.25
CA GLU A 284 31.33 6.43 3.39
C GLU A 284 32.84 6.32 3.14
N GLY A 285 33.25 5.28 2.41
CA GLY A 285 34.65 4.97 2.18
C GLY A 285 35.60 6.14 1.94
N GLU A 286 35.23 7.04 1.03
CA GLU A 286 36.17 8.06 0.59
C GLU A 286 36.44 9.19 1.57
N HIS A 287 35.50 9.50 2.47
CA HIS A 287 35.70 10.63 3.37
C HIS A 287 35.58 10.30 4.86
N VAL A 288 35.34 9.02 5.18
CA VAL A 288 35.07 8.65 6.57
C VAL A 288 36.27 8.95 7.48
N ALA A 289 37.46 8.80 6.91
CA ALA A 289 38.74 9.03 7.60
C ALA A 289 38.91 10.48 8.10
N SER A 290 38.73 11.46 7.22
CA SER A 290 38.74 12.88 7.64
C SER A 290 37.55 13.26 8.54
N THR A 291 36.39 12.64 8.31
CA THR A 291 35.24 12.92 9.15
C THR A 291 35.53 12.43 10.56
N ALA A 292 36.05 11.21 10.69
CA ALA A 292 36.37 10.62 11.97
C ALA A 292 37.49 11.35 12.68
N HIS A 293 38.42 11.90 11.90
CA HIS A 293 39.47 12.71 12.46
C HIS A 293 38.90 13.93 13.20
N ILE A 294 37.99 14.64 12.54
CA ILE A 294 37.34 15.82 13.11
C ILE A 294 36.47 15.43 14.29
N VAL A 295 35.67 14.37 14.13
CA VAL A 295 34.76 13.95 15.20
C VAL A 295 35.55 13.45 16.41
N GLY A 296 36.53 12.59 16.16
CA GLY A 296 37.39 12.02 17.21
C GLY A 296 38.15 13.05 18.01
N ASP A 297 38.75 14.01 17.31
CA ASP A 297 39.50 15.10 17.96
C ASP A 297 38.59 15.90 18.88
N TRP A 298 37.40 16.23 18.36
CA TRP A 298 36.42 16.99 19.13
C TRP A 298 35.99 16.20 20.37
N LEU A 299 35.69 14.92 20.18
CA LEU A 299 35.28 14.04 21.28
C LEU A 299 36.37 13.91 22.36
N ARG A 300 37.63 13.85 21.95
CA ARG A 300 38.71 13.79 22.93
C ARG A 300 38.78 15.06 23.77
N GLU A 301 38.65 16.21 23.11
CA GLU A 301 38.57 17.47 23.82
C GLU A 301 37.37 17.47 24.77
N ALA A 302 36.20 17.06 24.26
CA ALA A 302 34.96 17.01 25.03
C ALA A 302 35.05 16.24 26.34
N HIS A 303 35.76 15.10 26.30
CA HIS A 303 35.94 14.27 27.47
C HIS A 303 37.07 14.79 28.35
N ALA A 304 38.10 15.36 27.72
CA ALA A 304 39.26 15.87 28.47
C ALA A 304 38.85 16.98 29.43
N SER B 27 6.19 -11.44 -1.07
CA SER B 27 5.69 -10.81 0.19
C SER B 27 4.70 -9.66 -0.06
N ASP B 28 3.78 -9.46 0.89
CA ASP B 28 2.66 -8.52 0.73
C ASP B 28 2.21 -7.78 2.00
N TYR B 29 3.05 -6.82 2.40
CA TYR B 29 2.86 -6.00 3.59
C TYR B 29 1.52 -5.26 3.63
N PHE B 30 1.15 -4.62 2.54
CA PHE B 30 -0.11 -3.88 2.51
C PHE B 30 -1.33 -4.82 2.57
N GLY B 31 -1.18 -6.03 2.04
CA GLY B 31 -2.20 -7.07 2.16
C GLY B 31 -2.42 -7.40 3.62
N GLU B 32 -1.32 -7.58 4.35
CA GLU B 32 -1.34 -7.75 5.80
C GLU B 32 -2.01 -6.55 6.51
N LEU B 33 -1.66 -5.32 6.10
CA LEU B 33 -2.27 -4.11 6.68
C LEU B 33 -3.76 -4.04 6.40
N PHE B 34 -4.16 -4.48 5.21
CA PHE B 34 -5.58 -4.52 4.84
C PHE B 34 -6.38 -5.38 5.82
N LEU B 35 -5.90 -6.60 6.09
CA LEU B 35 -6.58 -7.52 7.03
C LEU B 35 -6.62 -6.95 8.45
N GLN B 36 -5.51 -6.38 8.91
CA GLN B 36 -5.44 -5.76 10.23
C GLN B 36 -6.51 -4.68 10.36
N ALA B 37 -6.57 -3.80 9.34
CA ALA B 37 -7.51 -2.68 9.28
C ALA B 37 -8.99 -3.09 9.36
N MET B 38 -9.30 -4.25 8.78
CA MET B 38 -10.63 -4.86 8.94
C MET B 38 -10.98 -5.10 10.40
N ARG B 39 -10.03 -5.61 11.18
CA ARG B 39 -10.26 -5.97 12.57
C ARG B 39 -10.29 -4.75 13.49
N THR B 40 -9.78 -3.61 13.01
CA THR B 40 -9.75 -2.38 13.80
C THR B 40 -10.73 -1.31 13.28
N GLY B 41 -11.63 -1.71 12.38
CA GLY B 41 -12.62 -0.79 11.81
C GLY B 41 -12.05 0.33 10.93
N GLU B 42 -10.92 0.06 10.29
CA GLU B 42 -10.31 1.04 9.39
C GLU B 42 -10.35 0.59 7.93
N LEU B 43 -11.36 -0.20 7.60
CA LEU B 43 -11.52 -0.67 6.24
C LEU B 43 -11.52 0.49 5.23
N ALA B 44 -12.16 1.59 5.59
CA ALA B 44 -12.22 2.76 4.71
C ALA B 44 -10.83 3.34 4.35
N GLN B 45 -9.95 3.49 5.35
CA GLN B 45 -8.59 3.93 5.09
C GLN B 45 -7.81 2.92 4.25
N ALA B 46 -8.00 1.64 4.53
CA ALA B 46 -7.32 0.56 3.79
C ALA B 46 -7.73 0.53 2.31
N GLN B 47 -9.01 0.72 2.03
CA GLN B 47 -9.49 0.77 0.65
C GLN B 47 -8.91 1.99 -0.08
N GLN B 48 -8.73 3.09 0.65
CA GLN B 48 -8.11 4.32 0.14
C GLN B 48 -6.65 4.05 -0.30
N LEU B 49 -5.90 3.31 0.53
CA LEU B 49 -4.53 2.84 0.19
C LEU B 49 -4.53 1.98 -1.09
N MET B 50 -5.41 0.97 -1.12
CA MET B 50 -5.55 0.09 -2.29
C MET B 50 -5.96 0.85 -3.55
N ALA B 51 -6.77 1.89 -3.40
CA ALA B 51 -7.18 2.71 -4.56
C ALA B 51 -5.99 3.49 -5.14
N GLY B 52 -5.15 4.00 -4.26
CA GLY B 52 -3.94 4.74 -4.65
C GLY B 52 -3.00 3.81 -5.40
N ALA B 53 -2.79 2.61 -4.86
CA ALA B 53 -1.96 1.59 -5.52
C ALA B 53 -2.52 1.19 -6.87
N ALA B 54 -3.84 1.02 -6.94
CA ALA B 54 -4.54 0.73 -8.19
C ALA B 54 -4.19 1.75 -9.27
N GLN B 55 -4.06 3.02 -8.88
CA GLN B 55 -3.73 4.08 -9.84
C GLN B 55 -2.32 3.93 -10.41
N LEU B 56 -1.42 3.40 -9.60
CA LEU B 56 -0.05 3.20 -10.02
C LEU B 56 0.14 1.99 -10.91
N ARG B 57 -0.72 0.98 -10.73
CA ARG B 57 -0.63 -0.27 -11.49
C ARG B 57 -0.63 -0.05 -13.00
N LEU B 58 0.13 -0.88 -13.69
CA LEU B 58 0.16 -0.89 -15.14
C LEU B 58 -1.25 -1.14 -15.69
N LYS B 59 -1.60 -0.39 -16.72
CA LYS B 59 -2.89 -0.50 -17.38
C LYS B 59 -2.68 -0.99 -18.81
N TYR B 60 -3.70 -1.62 -19.40
CA TYR B 60 -3.70 -1.82 -20.85
C TYR B 60 -4.87 -1.02 -21.45
N GLY B 61 -4.84 -0.78 -22.76
CA GLY B 61 -5.93 -0.09 -23.45
C GLY B 61 -5.49 0.84 -24.57
N ASP B 62 -4.27 1.36 -24.48
CA ASP B 62 -3.68 2.10 -25.56
C ASP B 62 -3.77 1.23 -26.83
N PRO B 63 -4.31 1.79 -27.94
CA PRO B 63 -4.52 1.03 -29.18
C PRO B 63 -3.25 0.32 -29.66
N ALA B 64 -2.09 0.96 -29.48
CA ALA B 64 -0.81 0.45 -29.94
C ALA B 64 -0.17 -0.59 -29.01
N GLY B 65 -0.37 -0.44 -27.70
CA GLY B 65 0.24 -1.32 -26.70
C GLY B 65 -0.37 -2.72 -26.62
N PRO B 66 0.26 -3.62 -25.83
CA PRO B 66 -0.23 -5.00 -25.68
C PRO B 66 -1.48 -5.09 -24.80
N GLU B 67 -2.46 -5.89 -25.24
CA GLU B 67 -3.71 -6.06 -24.52
C GLU B 67 -3.79 -7.43 -23.83
N ALA B 68 -4.27 -7.43 -22.59
CA ALA B 68 -4.54 -8.65 -21.83
C ALA B 68 -5.81 -9.31 -22.39
N VAL B 69 -5.76 -10.62 -22.62
CA VAL B 69 -6.94 -11.34 -23.11
C VAL B 69 -7.69 -12.04 -21.97
N PRO B 70 -8.92 -11.57 -21.68
CA PRO B 70 -9.75 -12.14 -20.62
C PRO B 70 -9.91 -13.64 -20.81
N GLU B 71 -9.75 -14.41 -19.76
CA GLU B 71 -9.92 -15.86 -19.85
C GLU B 71 -11.40 -16.26 -19.95
N ILE B 72 -11.68 -17.21 -20.83
CA ILE B 72 -13.01 -17.83 -20.86
C ILE B 72 -12.87 -19.32 -20.60
N VAL B 73 -13.80 -19.87 -19.84
CA VAL B 73 -13.68 -21.22 -19.28
C VAL B 73 -15.04 -21.91 -19.41
N ARG B 74 -15.07 -23.06 -20.09
CA ARG B 74 -16.29 -23.90 -20.06
C ARG B 74 -16.55 -24.43 -18.65
N LEU B 75 -17.80 -24.41 -18.21
CA LEU B 75 -18.14 -24.96 -16.89
C LEU B 75 -19.08 -26.13 -17.04
N GLY B 76 -19.96 -26.05 -18.04
CA GLY B 76 -20.83 -27.17 -18.34
C GLY B 76 -20.13 -28.49 -18.66
N ARG B 77 -20.85 -29.58 -18.39
CA ARG B 77 -20.61 -30.86 -19.00
C ARG B 77 -21.28 -30.87 -20.38
N GLY B 78 -22.37 -30.11 -20.50
CA GLY B 78 -23.21 -30.06 -21.70
C GLY B 78 -22.50 -29.44 -22.88
N GLN B 79 -22.52 -30.14 -24.00
CA GLN B 79 -21.78 -29.72 -25.18
C GLN B 79 -22.77 -29.28 -26.25
N LEU B 80 -24.05 -29.21 -25.90
CA LEU B 80 -25.12 -28.88 -26.85
C LEU B 80 -26.07 -27.76 -26.41
N GLY B 81 -26.58 -27.01 -27.39
CA GLY B 81 -27.61 -26.01 -27.14
C GLY B 81 -27.08 -24.59 -27.20
N PRO B 82 -27.91 -23.60 -26.81
CA PRO B 82 -27.46 -22.22 -26.86
C PRO B 82 -26.37 -21.98 -25.82
N GLN B 83 -25.60 -20.92 -25.99
CA GLN B 83 -24.55 -20.65 -25.02
C GLN B 83 -25.02 -19.70 -23.94
N LEU B 84 -24.50 -19.90 -22.75
CA LEU B 84 -24.71 -18.98 -21.63
C LEU B 84 -23.33 -18.52 -21.12
N ILE B 85 -23.03 -17.24 -21.32
CA ILE B 85 -21.79 -16.67 -20.85
C ILE B 85 -21.98 -15.97 -19.49
N LEU B 86 -21.38 -16.54 -18.46
CA LEU B 86 -21.45 -15.93 -17.13
C LEU B 86 -20.24 -14.98 -16.97
N VAL B 87 -20.48 -13.70 -16.73
CA VAL B 87 -19.38 -12.75 -16.50
C VAL B 87 -19.04 -12.72 -15.03
N CYS B 88 -17.81 -13.09 -14.66
CA CYS B 88 -17.39 -13.07 -13.26
C CYS B 88 -17.34 -11.65 -12.74
N PRO B 89 -17.75 -11.42 -11.46
CA PRO B 89 -17.73 -10.08 -10.88
C PRO B 89 -16.29 -9.55 -10.79
N THR B 90 -16.15 -8.24 -10.81
CA THR B 90 -14.82 -7.61 -10.72
C THR B 90 -14.47 -7.40 -9.25
N VAL B 91 -14.34 -8.50 -8.50
CA VAL B 91 -14.06 -8.44 -7.05
C VAL B 91 -12.92 -9.37 -6.70
N MET B 92 -12.38 -9.25 -5.49
CA MET B 92 -11.10 -9.92 -5.18
C MET B 92 -11.15 -11.47 -5.27
N THR B 93 -12.35 -12.03 -5.22
CA THR B 93 -12.55 -13.49 -5.25
C THR B 93 -12.79 -14.00 -6.65
N THR B 94 -12.74 -13.11 -7.65
CA THR B 94 -13.23 -13.48 -8.97
C THR B 94 -12.53 -14.70 -9.64
N GLY B 95 -13.30 -15.43 -10.43
CA GLY B 95 -12.81 -16.62 -11.13
C GLY B 95 -13.98 -17.54 -11.44
N PRO B 96 -13.74 -18.56 -12.30
CA PRO B 96 -14.82 -19.49 -12.69
C PRO B 96 -15.47 -20.26 -11.53
N GLN B 97 -14.72 -20.53 -10.47
CA GLN B 97 -15.27 -21.32 -9.35
C GLN B 97 -16.47 -20.63 -8.66
N VAL B 98 -16.56 -19.30 -8.72
CA VAL B 98 -17.73 -18.65 -8.08
C VAL B 98 -19.04 -19.12 -8.71
N TYR B 99 -18.96 -19.54 -9.97
CA TYR B 99 -20.14 -19.97 -10.71
C TYR B 99 -20.28 -21.50 -10.88
N SER B 100 -19.40 -22.29 -10.25
CA SER B 100 -19.43 -23.77 -10.45
C SER B 100 -20.80 -24.36 -10.17
N ARG B 101 -21.33 -24.07 -8.99
CA ARG B 101 -22.62 -24.58 -8.58
C ARG B 101 -23.76 -24.12 -9.49
N LEU B 102 -23.77 -22.83 -9.84
CA LEU B 102 -24.82 -22.28 -10.71
C LEU B 102 -24.77 -22.94 -12.06
N ALA B 103 -23.56 -23.05 -12.61
CA ALA B 103 -23.40 -23.67 -13.93
C ALA B 103 -23.85 -25.13 -13.91
N GLU B 104 -23.51 -25.85 -12.84
CA GLU B 104 -23.95 -27.25 -12.70
C GLU B 104 -25.46 -27.39 -12.72
N GLU B 105 -26.16 -26.46 -12.08
CA GLU B 105 -27.64 -26.42 -12.10
C GLU B 105 -28.18 -26.10 -13.48
N LEU B 106 -27.41 -25.34 -14.26
CA LEU B 106 -27.90 -24.84 -15.55
C LEU B 106 -27.39 -25.65 -16.74
N ASP B 107 -26.54 -26.63 -16.46
CA ASP B 107 -25.77 -27.37 -17.45
C ASP B 107 -26.62 -28.18 -18.46
N ALA B 108 -27.83 -28.57 -18.07
CA ALA B 108 -28.71 -29.32 -18.97
C ALA B 108 -29.33 -28.45 -20.08
N GLY B 109 -29.01 -28.81 -21.33
CA GLY B 109 -29.58 -28.15 -22.52
C GLY B 109 -28.99 -26.80 -22.94
N ARG B 110 -27.90 -26.37 -22.30
CA ARG B 110 -27.18 -25.18 -22.74
C ARG B 110 -25.67 -25.31 -22.45
N ARG B 111 -24.86 -24.54 -23.17
CA ARG B 111 -23.41 -24.57 -23.00
C ARG B 111 -22.93 -23.37 -22.16
N VAL B 112 -22.58 -23.64 -20.91
CA VAL B 112 -22.24 -22.60 -19.95
C VAL B 112 -20.74 -22.34 -19.91
N SER B 113 -20.37 -21.06 -19.96
CA SER B 113 -18.98 -20.64 -19.81
C SER B 113 -18.87 -19.48 -18.80
N ALA B 114 -17.67 -19.32 -18.25
CA ALA B 114 -17.39 -18.23 -17.33
C ALA B 114 -16.32 -17.35 -17.93
N LEU B 115 -16.56 -16.05 -17.87
CA LEU B 115 -15.65 -15.08 -18.45
C LEU B 115 -15.05 -14.24 -17.32
N VAL B 116 -13.72 -14.24 -17.23
CA VAL B 116 -13.01 -13.70 -16.07
C VAL B 116 -12.36 -12.35 -16.43
N PRO B 117 -12.75 -11.26 -15.74
CA PRO B 117 -12.14 -9.97 -16.08
C PRO B 117 -10.65 -9.92 -15.75
N PRO B 118 -9.84 -9.19 -16.55
CA PRO B 118 -8.39 -9.17 -16.40
C PRO B 118 -7.90 -8.32 -15.24
N GLY B 119 -6.70 -8.64 -14.73
CA GLY B 119 -6.03 -7.84 -13.74
C GLY B 119 -5.98 -8.47 -12.36
N PHE B 120 -6.74 -9.54 -12.16
CA PHE B 120 -6.86 -10.15 -10.84
C PHE B 120 -5.85 -11.26 -10.57
N HIS B 121 -5.29 -11.86 -11.63
CA HIS B 121 -4.37 -13.01 -11.52
C HIS B 121 -3.12 -12.78 -12.34
N GLY B 122 -2.06 -13.53 -12.00
CA GLY B 122 -0.83 -13.61 -12.80
C GLY B 122 -0.18 -12.28 -13.06
N GLY B 123 0.28 -12.09 -14.30
CA GLY B 123 0.89 -10.83 -14.69
C GLY B 123 -0.08 -9.69 -14.98
N GLN B 124 -1.36 -10.01 -15.18
CA GLN B 124 -2.29 -9.16 -15.94
C GLN B 124 -2.43 -7.69 -15.52
N ALA B 125 -2.36 -6.80 -16.51
CA ALA B 125 -2.60 -5.37 -16.33
C ALA B 125 -4.10 -5.08 -16.21
N LEU B 126 -4.44 -3.95 -15.61
CA LEU B 126 -5.83 -3.54 -15.44
C LEU B 126 -6.30 -2.76 -16.66
N PRO B 127 -7.59 -2.87 -17.02
CA PRO B 127 -8.07 -2.07 -18.15
C PRO B 127 -8.08 -0.58 -17.77
N ALA B 128 -7.71 0.25 -18.74
CA ALA B 128 -7.51 1.67 -18.49
C ALA B 128 -8.82 2.37 -18.13
N THR B 129 -9.90 1.93 -18.76
CA THR B 129 -11.21 2.57 -18.64
C THR B 129 -12.27 1.49 -18.76
N LEU B 130 -13.51 1.84 -18.45
CA LEU B 130 -14.60 0.89 -18.63
C LEU B 130 -14.80 0.44 -20.08
N THR B 131 -14.57 1.35 -21.03
CA THR B 131 -14.66 1.03 -22.45
C THR B 131 -13.65 -0.01 -22.84
N VAL B 132 -12.41 0.18 -22.40
CA VAL B 132 -11.37 -0.82 -22.64
C VAL B 132 -11.82 -2.18 -22.08
N LEU B 133 -12.29 -2.20 -20.84
CA LEU B 133 -12.74 -3.48 -20.24
C LEU B 133 -13.83 -4.16 -21.08
N VAL B 134 -14.90 -3.41 -21.36
CA VAL B 134 -16.07 -3.93 -22.05
C VAL B 134 -15.72 -4.47 -23.45
N ARG B 135 -14.88 -3.75 -24.19
CA ARG B 135 -14.47 -4.24 -25.51
C ARG B 135 -13.53 -5.46 -25.51
N SER B 136 -12.64 -5.56 -24.51
CA SER B 136 -11.82 -6.76 -24.30
C SER B 136 -12.70 -7.98 -24.08
N LEU B 137 -13.72 -7.81 -23.24
CA LEU B 137 -14.63 -8.88 -22.92
C LEU B 137 -15.51 -9.24 -24.11
N ALA B 138 -16.00 -8.22 -24.80
CA ALA B 138 -16.87 -8.40 -25.96
C ALA B 138 -16.15 -9.10 -27.10
N ASP B 139 -14.87 -8.77 -27.31
CA ASP B 139 -14.01 -9.48 -28.27
C ASP B 139 -14.01 -11.00 -28.01
N VAL B 140 -13.88 -11.38 -26.75
CA VAL B 140 -13.82 -12.79 -26.40
C VAL B 140 -15.20 -13.46 -26.61
N VAL B 141 -16.26 -12.82 -26.13
CA VAL B 141 -17.63 -13.34 -26.31
C VAL B 141 -17.93 -13.50 -27.80
N GLN B 142 -17.59 -12.46 -28.57
CA GLN B 142 -17.75 -12.46 -30.04
C GLN B 142 -17.14 -13.70 -30.68
N ALA B 143 -15.86 -13.95 -30.40
CA ALA B 143 -15.13 -15.08 -30.98
C ALA B 143 -15.73 -16.43 -30.54
N GLU B 144 -16.24 -16.47 -29.31
CA GLU B 144 -16.82 -17.68 -28.76
C GLU B 144 -18.18 -18.04 -29.34
N VAL B 145 -19.02 -17.04 -29.60
CA VAL B 145 -20.41 -17.34 -29.94
C VAL B 145 -20.65 -17.43 -31.45
N ALA B 146 -19.74 -16.86 -32.24
CA ALA B 146 -19.94 -16.67 -33.67
C ALA B 146 -21.40 -16.25 -33.95
N ASP B 147 -22.07 -16.99 -34.82
CA ASP B 147 -23.46 -16.67 -35.19
C ASP B 147 -24.51 -17.50 -34.43
N GLY B 148 -24.08 -18.23 -33.40
CA GLY B 148 -24.98 -19.04 -32.57
C GLY B 148 -25.83 -18.22 -31.60
N GLU B 149 -26.81 -18.88 -30.99
CA GLU B 149 -27.68 -18.24 -30.02
C GLU B 149 -26.94 -18.16 -28.69
N PHE B 150 -27.05 -17.02 -28.02
CA PHE B 150 -26.39 -16.87 -26.71
C PHE B 150 -27.10 -15.88 -25.80
N ALA B 151 -26.76 -15.95 -24.52
CA ALA B 151 -27.23 -15.00 -23.55
C ALA B 151 -26.12 -14.78 -22.52
N LEU B 152 -26.25 -13.70 -21.76
CA LEU B 152 -25.26 -13.38 -20.74
C LEU B 152 -25.92 -13.28 -19.38
N ALA B 153 -25.14 -13.56 -18.35
CA ALA B 153 -25.59 -13.38 -17.00
C ALA B 153 -24.39 -13.02 -16.12
N GLY B 154 -24.67 -12.33 -15.01
CA GLY B 154 -23.60 -12.03 -14.06
C GLY B 154 -24.14 -11.73 -12.67
N HIS B 155 -23.32 -12.04 -11.68
CA HIS B 155 -23.63 -11.73 -10.30
C HIS B 155 -23.07 -10.36 -9.95
N SER B 156 -23.91 -9.48 -9.39
CA SER B 156 -23.46 -8.17 -8.87
C SER B 156 -22.75 -7.35 -9.96
N SER B 157 -21.49 -6.94 -9.74
CA SER B 157 -20.73 -6.23 -10.77
C SER B 157 -20.64 -7.02 -12.08
N GLY B 158 -20.61 -8.36 -12.00
CA GLY B 158 -20.59 -9.15 -13.23
C GLY B 158 -21.86 -9.01 -14.06
N GLY B 159 -22.98 -8.75 -13.38
CA GLY B 159 -24.24 -8.42 -14.07
C GLY B 159 -24.18 -7.06 -14.74
N VAL B 160 -23.58 -6.09 -14.06
CA VAL B 160 -23.38 -4.76 -14.60
C VAL B 160 -22.52 -4.86 -15.86
N VAL B 161 -21.40 -5.57 -15.74
CA VAL B 161 -20.49 -5.71 -16.87
C VAL B 161 -21.13 -6.54 -18.00
N ALA B 162 -21.92 -7.55 -17.65
CA ALA B 162 -22.62 -8.37 -18.66
C ALA B 162 -23.58 -7.50 -19.46
N TYR B 163 -24.24 -6.56 -18.79
CA TYR B 163 -25.17 -5.63 -19.41
C TYR B 163 -24.45 -4.78 -20.46
N GLU B 164 -23.30 -4.23 -20.06
CA GLU B 164 -22.47 -3.41 -20.95
C GLU B 164 -21.88 -4.21 -22.11
N VAL B 165 -21.37 -5.41 -21.83
CA VAL B 165 -20.90 -6.29 -22.89
C VAL B 165 -22.05 -6.58 -23.89
N ALA B 166 -23.24 -6.86 -23.38
CA ALA B 166 -24.40 -7.05 -24.27
C ALA B 166 -24.69 -5.82 -25.13
N ARG B 167 -24.62 -4.63 -24.53
CA ARG B 167 -24.82 -3.40 -25.29
C ARG B 167 -23.80 -3.32 -26.42
N GLU B 168 -22.56 -3.63 -26.08
CA GLU B 168 -21.45 -3.55 -27.04
C GLU B 168 -21.64 -4.53 -28.22
N LEU B 169 -21.97 -5.77 -27.91
CA LEU B 169 -22.25 -6.80 -28.91
C LEU B 169 -23.41 -6.44 -29.82
N GLU B 170 -24.46 -5.85 -29.24
CA GLU B 170 -25.61 -5.36 -30.02
C GLU B 170 -25.21 -4.26 -30.99
N ALA B 171 -24.26 -3.43 -30.56
CA ALA B 171 -23.70 -2.38 -31.41
C ALA B 171 -22.84 -2.97 -32.51
N ARG B 172 -22.36 -4.19 -32.29
CA ARG B 172 -21.57 -4.91 -33.29
C ARG B 172 -22.43 -5.78 -34.21
N GLY B 173 -23.75 -5.77 -33.99
CA GLY B 173 -24.69 -6.47 -34.86
C GLY B 173 -25.15 -7.83 -34.36
N LEU B 174 -24.66 -8.26 -33.20
CA LEU B 174 -25.08 -9.52 -32.60
C LEU B 174 -26.39 -9.36 -31.83
N ALA B 175 -27.03 -10.47 -31.48
CA ALA B 175 -28.34 -10.45 -30.84
C ALA B 175 -28.42 -11.37 -29.62
N PRO B 176 -27.87 -10.93 -28.47
CA PRO B 176 -27.97 -11.76 -27.26
C PRO B 176 -29.46 -11.93 -26.93
N ARG B 177 -29.89 -13.15 -26.59
CA ARG B 177 -31.31 -13.38 -26.35
C ARG B 177 -31.79 -12.84 -25.00
N GLY B 178 -30.83 -12.48 -24.13
CA GLY B 178 -31.13 -11.91 -22.82
C GLY B 178 -29.92 -11.66 -21.94
N VAL B 179 -30.10 -10.82 -20.91
CA VAL B 179 -29.09 -10.60 -19.86
C VAL B 179 -29.73 -10.79 -18.50
N VAL B 180 -29.12 -11.61 -17.64
CA VAL B 180 -29.62 -11.84 -16.29
C VAL B 180 -28.63 -11.18 -15.29
N LEU B 181 -29.15 -10.31 -14.44
CA LEU B 181 -28.30 -9.65 -13.45
C LEU B 181 -28.76 -10.17 -12.11
N ILE B 182 -27.83 -10.60 -11.27
CA ILE B 182 -28.21 -11.09 -9.96
C ILE B 182 -27.69 -10.12 -8.91
N ASP B 183 -28.62 -9.40 -8.27
CA ASP B 183 -28.38 -8.42 -7.20
C ASP B 183 -27.39 -7.29 -7.53
N SER B 184 -27.40 -6.86 -8.79
CA SER B 184 -26.53 -5.76 -9.22
C SER B 184 -26.99 -4.46 -8.55
N TYR B 185 -26.05 -3.59 -8.18
CA TYR B 185 -26.36 -2.32 -7.53
C TYR B 185 -25.35 -1.31 -8.07
N SER B 186 -25.61 -0.05 -7.78
CA SER B 186 -24.78 1.04 -8.26
C SER B 186 -24.68 2.08 -7.14
N PHE B 187 -23.46 2.42 -6.69
CA PHE B 187 -23.31 3.54 -5.75
C PHE B 187 -23.31 4.86 -6.52
N ASP B 188 -24.13 5.79 -6.09
CA ASP B 188 -24.22 7.12 -6.70
C ASP B 188 -23.82 8.20 -5.69
N GLY B 189 -23.09 9.19 -6.18
CA GLY B 189 -22.56 10.25 -5.32
C GLY B 189 -21.33 9.75 -4.60
N ASP B 190 -20.91 10.50 -3.58
CA ASP B 190 -19.72 10.16 -2.81
C ASP B 190 -19.99 9.10 -1.74
N GLY B 191 -21.27 8.93 -1.37
CA GLY B 191 -21.68 7.91 -0.39
C GLY B 191 -21.31 8.25 1.03
N GLY B 192 -21.98 7.62 1.99
CA GLY B 192 -21.73 7.89 3.40
C GLY B 192 -21.63 6.63 4.24
N ARG B 193 -22.14 6.71 5.48
CA ARG B 193 -22.11 5.62 6.44
C ARG B 193 -22.80 4.33 5.93
N PRO B 194 -24.00 4.45 5.32
CA PRO B 194 -24.66 3.26 4.78
C PRO B 194 -23.77 2.48 3.79
N GLU B 195 -23.15 3.20 2.85
CA GLU B 195 -22.25 2.60 1.87
C GLU B 195 -21.07 1.86 2.52
N GLU B 196 -20.41 2.51 3.48
CA GLU B 196 -19.33 1.88 4.25
C GLU B 196 -19.77 0.57 4.93
N LEU B 197 -20.98 0.59 5.49
CA LEU B 197 -21.53 -0.57 6.20
C LEU B 197 -21.81 -1.71 5.22
N PHE B 198 -22.38 -1.39 4.06
CA PHE B 198 -22.61 -2.39 3.01
C PHE B 198 -21.30 -2.96 2.47
N ARG B 199 -20.33 -2.09 2.20
CA ARG B 199 -19.02 -2.49 1.70
C ARG B 199 -18.30 -3.36 2.70
N SER B 200 -18.46 -3.05 3.99
CA SER B 200 -17.79 -3.86 4.99
C SER B 200 -18.37 -5.27 5.08
N ALA B 201 -19.69 -5.37 4.98
CA ALA B 201 -20.36 -6.67 4.94
C ALA B 201 -19.93 -7.46 3.70
N LEU B 202 -19.81 -6.79 2.56
CA LEU B 202 -19.36 -7.48 1.32
C LEU B 202 -17.93 -7.97 1.53
N ASN B 203 -17.08 -7.07 2.01
CA ASN B 203 -15.66 -7.36 2.25
C ASN B 203 -15.44 -8.55 3.17
N GLU B 204 -16.26 -8.64 4.22
CA GLU B 204 -16.14 -9.74 5.16
C GLU B 204 -16.33 -11.08 4.44
N ARG B 205 -17.33 -11.18 3.56
CA ARG B 205 -17.53 -12.38 2.79
C ARG B 205 -16.41 -12.63 1.76
N PHE B 206 -15.94 -11.57 1.08
CA PHE B 206 -14.84 -11.70 0.12
C PHE B 206 -13.62 -12.31 0.81
N VAL B 207 -13.24 -11.73 1.94
CA VAL B 207 -12.01 -12.09 2.63
C VAL B 207 -12.07 -13.53 3.15
N GLU B 208 -13.24 -13.93 3.66
CA GLU B 208 -13.45 -15.27 4.22
C GLU B 208 -13.31 -16.35 3.15
N TYR B 209 -13.89 -16.06 1.99
CA TYR B 209 -13.74 -16.93 0.84
C TYR B 209 -12.27 -17.11 0.46
N LEU B 210 -11.53 -16.00 0.43
CA LEU B 210 -10.10 -16.07 0.12
C LEU B 210 -9.32 -16.88 1.13
N ARG B 211 -9.60 -16.68 2.41
CA ARG B 211 -8.96 -17.44 3.46
C ARG B 211 -9.33 -18.94 3.37
N LEU B 212 -10.54 -19.25 2.92
CA LEU B 212 -10.97 -20.64 2.78
C LEU B 212 -10.39 -21.36 1.58
N THR B 213 -10.16 -20.63 0.48
CA THR B 213 -9.61 -21.21 -0.76
C THR B 213 -8.08 -21.16 -0.81
N GLY B 214 -7.45 -20.88 0.33
CA GLY B 214 -5.99 -20.73 0.43
C GLY B 214 -5.42 -19.58 -0.40
N GLY B 215 -6.31 -18.68 -0.82
CA GLY B 215 -5.99 -17.55 -1.70
C GLY B 215 -4.70 -16.82 -1.34
N GLY B 216 -3.94 -16.47 -2.37
CA GLY B 216 -2.70 -15.69 -2.19
C GLY B 216 -2.88 -14.34 -2.86
N ASN B 217 -1.77 -13.64 -3.08
CA ASN B 217 -1.76 -12.38 -3.84
C ASN B 217 -2.90 -11.43 -3.48
N LEU B 218 -2.98 -11.09 -2.19
CA LEU B 218 -4.06 -10.21 -1.72
C LEU B 218 -4.07 -8.83 -2.40
N SER B 219 -2.91 -8.15 -2.41
CA SER B 219 -2.85 -6.80 -2.99
C SER B 219 -3.21 -6.75 -4.47
N GLN B 220 -2.78 -7.75 -5.24
CA GLN B 220 -3.11 -7.82 -6.66
C GLN B 220 -4.64 -7.90 -6.84
N ARG B 221 -5.28 -8.77 -6.06
CA ARG B 221 -6.73 -8.98 -6.13
C ARG B 221 -7.53 -7.78 -5.65
N ILE B 222 -7.12 -7.21 -4.52
CA ILE B 222 -7.87 -6.10 -3.92
C ILE B 222 -7.71 -4.81 -4.74
N THR B 223 -6.49 -4.47 -5.17
CA THR B 223 -6.32 -3.33 -6.05
C THR B 223 -7.17 -3.43 -7.31
N ALA B 224 -7.22 -4.61 -7.91
CA ALA B 224 -8.00 -4.81 -9.14
C ALA B 224 -9.49 -4.61 -8.84
N GLN B 225 -9.92 -5.10 -7.68
CA GLN B 225 -11.31 -4.93 -7.26
C GLN B 225 -11.63 -3.45 -7.14
N VAL B 226 -10.82 -2.74 -6.35
CA VAL B 226 -11.05 -1.34 -6.09
C VAL B 226 -10.99 -0.53 -7.40
N TRP B 227 -10.05 -0.89 -8.28
CA TRP B 227 -9.96 -0.22 -9.57
C TRP B 227 -11.25 -0.41 -10.38
N CYS B 228 -11.65 -1.67 -10.57
CA CYS B 228 -12.78 -2.00 -11.45
C CYS B 228 -14.11 -1.49 -10.89
N LEU B 229 -14.32 -1.66 -9.59
CA LEU B 229 -15.57 -1.17 -8.99
C LEU B 229 -15.69 0.35 -9.09
N GLU B 230 -14.55 1.04 -9.07
CA GLU B 230 -14.57 2.49 -9.30
C GLU B 230 -14.99 2.85 -10.72
N LEU B 231 -14.60 2.05 -11.71
CA LEU B 231 -15.03 2.25 -13.10
C LEU B 231 -16.54 2.17 -13.24
N LEU B 232 -17.19 1.48 -12.30
CA LEU B 232 -18.63 1.23 -12.34
C LEU B 232 -19.41 2.17 -11.43
N ARG B 233 -18.73 3.08 -10.76
CA ARG B 233 -19.43 4.02 -9.89
C ARG B 233 -20.32 4.94 -10.72
N GLY B 234 -21.55 5.11 -10.28
CA GLY B 234 -22.50 5.99 -10.97
C GLY B 234 -23.09 5.36 -12.22
N TRP B 235 -22.89 4.06 -12.37
CA TRP B 235 -23.41 3.36 -13.53
C TRP B 235 -24.94 3.32 -13.47
N ARG B 236 -25.57 3.56 -14.61
CA ARG B 236 -26.98 3.25 -14.79
C ARG B 236 -27.16 2.54 -16.13
N PRO B 237 -28.14 1.64 -16.19
CA PRO B 237 -28.41 0.99 -17.47
C PRO B 237 -29.21 1.87 -18.45
N GLU B 238 -28.78 1.87 -19.70
CA GLU B 238 -29.57 2.43 -20.80
C GLU B 238 -29.19 1.74 -22.12
N GLY B 239 -30.11 1.77 -23.09
CA GLY B 239 -29.80 1.38 -24.46
C GLY B 239 -29.64 -0.10 -24.84
N LEU B 240 -30.05 -1.02 -23.96
CA LEU B 240 -30.06 -2.44 -24.35
C LEU B 240 -31.38 -2.91 -24.93
N THR B 241 -31.33 -3.61 -26.06
CA THR B 241 -32.56 -4.08 -26.70
C THR B 241 -32.95 -5.50 -26.28
N ALA B 242 -31.95 -6.35 -26.00
CA ALA B 242 -32.19 -7.68 -25.43
C ALA B 242 -32.92 -7.55 -24.08
N PRO B 243 -33.88 -8.47 -23.82
CA PRO B 243 -34.60 -8.44 -22.55
C PRO B 243 -33.71 -8.77 -21.35
N THR B 244 -34.08 -8.28 -20.17
CA THR B 244 -33.27 -8.44 -18.98
C THR B 244 -34.13 -9.05 -17.90
N LEU B 245 -33.49 -9.88 -17.08
CA LEU B 245 -34.09 -10.37 -15.85
C LEU B 245 -33.18 -9.93 -14.69
N TYR B 246 -33.77 -9.35 -13.65
CA TYR B 246 -33.04 -9.08 -12.41
C TYR B 246 -33.51 -10.04 -11.34
N VAL B 247 -32.57 -10.76 -10.73
CA VAL B 247 -32.86 -11.65 -9.61
C VAL B 247 -32.42 -10.97 -8.30
N ARG B 248 -33.39 -10.72 -7.44
CA ARG B 248 -33.18 -10.04 -6.16
C ARG B 248 -33.26 -11.02 -4.99
N PRO B 249 -32.15 -11.18 -4.25
CA PRO B 249 -32.14 -11.99 -3.03
C PRO B 249 -33.11 -11.42 -2.01
N ALA B 250 -33.91 -12.31 -1.40
CA ALA B 250 -34.94 -11.92 -0.48
C ALA B 250 -34.35 -11.33 0.81
N GLN B 251 -33.13 -11.74 1.15
CA GLN B 251 -32.49 -11.30 2.39
C GLN B 251 -31.36 -10.28 2.13
N PRO B 252 -31.42 -9.11 2.80
CA PRO B 252 -30.34 -8.12 2.75
C PRO B 252 -29.12 -8.55 3.55
N LEU B 253 -27.99 -7.89 3.28
CA LEU B 253 -26.76 -8.08 4.03
C LEU B 253 -26.74 -7.27 5.31
N VAL B 254 -27.28 -6.05 5.25
CA VAL B 254 -27.31 -5.12 6.39
C VAL B 254 -28.62 -4.31 6.39
N GLU B 255 -28.92 -3.70 7.53
CA GLU B 255 -30.14 -2.94 7.75
C GLU B 255 -30.20 -1.63 6.95
N GLN B 256 -29.05 -0.99 6.79
CA GLN B 256 -29.00 0.38 6.29
C GLN B 256 -28.96 0.48 4.76
N GLU B 257 -29.43 -0.55 4.07
CA GLU B 257 -29.32 -0.56 2.61
C GLU B 257 -30.22 0.50 1.98
N LYS B 258 -29.61 1.38 1.17
CA LYS B 258 -30.34 2.48 0.53
C LYS B 258 -31.05 1.97 -0.71
N PRO B 259 -32.31 2.42 -0.92
CA PRO B 259 -33.04 1.95 -2.10
C PRO B 259 -32.49 2.51 -3.41
N GLU B 260 -31.82 3.67 -3.34
CA GLU B 260 -31.20 4.27 -4.53
C GLU B 260 -30.10 3.41 -5.14
N TRP B 261 -29.53 2.48 -4.37
CA TRP B 261 -28.48 1.60 -4.89
C TRP B 261 -28.99 0.69 -6.00
N ARG B 262 -30.26 0.29 -5.93
CA ARG B 262 -30.86 -0.60 -6.93
C ARG B 262 -31.94 0.07 -7.77
N GLY B 263 -32.51 1.16 -7.24
CA GLY B 263 -33.61 1.88 -7.87
C GLY B 263 -33.54 2.08 -9.37
N ASP B 264 -32.42 2.64 -9.84
CA ASP B 264 -32.27 2.98 -11.26
C ASP B 264 -32.00 1.75 -12.09
N VAL B 265 -31.26 0.80 -11.52
CA VAL B 265 -31.01 -0.48 -12.17
C VAL B 265 -32.33 -1.22 -12.39
N LEU B 266 -33.12 -1.34 -11.32
CA LEU B 266 -34.40 -2.03 -11.35
C LEU B 266 -35.36 -1.43 -12.37
N ALA B 267 -35.45 -0.11 -12.40
CA ALA B 267 -36.42 0.57 -13.26
C ALA B 267 -36.19 0.32 -14.75
N ALA B 268 -35.02 -0.20 -15.10
CA ALA B 268 -34.72 -0.55 -16.49
C ALA B 268 -34.80 -2.08 -16.76
N MET B 269 -35.19 -2.85 -15.76
CA MET B 269 -35.24 -4.31 -15.92
C MET B 269 -36.56 -4.79 -16.52
N GLY B 270 -36.48 -5.65 -17.53
CA GLY B 270 -37.64 -6.28 -18.14
C GLY B 270 -38.51 -6.98 -17.11
N GLN B 271 -37.90 -7.80 -16.27
CA GLN B 271 -38.60 -8.50 -15.19
C GLN B 271 -37.74 -8.59 -13.95
N VAL B 272 -38.37 -8.42 -12.78
CA VAL B 272 -37.67 -8.53 -11.51
C VAL B 272 -38.27 -9.68 -10.69
N VAL B 273 -37.43 -10.60 -10.24
CA VAL B 273 -37.89 -11.75 -9.46
C VAL B 273 -37.14 -11.82 -8.14
N GLU B 274 -37.89 -11.96 -7.05
CA GLU B 274 -37.31 -12.19 -5.75
C GLU B 274 -37.00 -13.65 -5.58
N ALA B 275 -35.90 -13.95 -4.92
CA ALA B 275 -35.49 -15.35 -4.77
C ALA B 275 -34.90 -15.58 -3.38
N PRO B 276 -35.13 -16.78 -2.81
CA PRO B 276 -34.58 -17.07 -1.49
C PRO B 276 -33.05 -16.89 -1.51
N GLY B 277 -32.51 -16.33 -0.44
CA GLY B 277 -31.06 -16.24 -0.25
C GLY B 277 -30.63 -14.81 -0.06
N ASP B 278 -29.35 -14.60 0.31
CA ASP B 278 -28.85 -13.24 0.40
C ASP B 278 -27.94 -12.94 -0.80
N HIS B 279 -27.25 -11.81 -0.75
CA HIS B 279 -26.44 -11.33 -1.86
C HIS B 279 -25.50 -12.42 -2.39
N PHE B 280 -24.91 -13.20 -1.49
CA PHE B 280 -24.03 -14.30 -1.84
C PHE B 280 -24.71 -15.69 -1.88
N THR B 281 -25.49 -16.02 -0.86
CA THR B 281 -26.05 -17.40 -0.75
C THR B 281 -27.00 -17.74 -1.90
N ILE B 282 -27.48 -16.70 -2.58
CA ILE B 282 -28.28 -16.84 -3.79
C ILE B 282 -27.66 -17.80 -4.80
N ILE B 283 -26.33 -17.82 -4.89
CA ILE B 283 -25.67 -18.76 -5.81
C ILE B 283 -24.76 -19.76 -5.10
N GLU B 284 -24.99 -19.93 -3.81
CA GLU B 284 -24.25 -20.95 -3.06
C GLU B 284 -25.13 -22.19 -2.86
N GLY B 285 -24.59 -23.24 -2.23
CA GLY B 285 -25.25 -24.55 -2.17
C GLY B 285 -26.68 -24.54 -1.66
N GLU B 286 -26.94 -23.73 -0.64
CA GLU B 286 -28.28 -23.58 -0.06
C GLU B 286 -29.40 -23.22 -1.05
N HIS B 287 -29.14 -22.27 -1.94
CA HIS B 287 -30.22 -21.66 -2.74
C HIS B 287 -29.98 -21.69 -4.24
N VAL B 288 -28.90 -22.35 -4.64
CA VAL B 288 -28.47 -22.30 -6.01
C VAL B 288 -29.48 -23.03 -6.93
N ALA B 289 -30.08 -24.10 -6.41
CA ALA B 289 -31.12 -24.85 -7.16
C ALA B 289 -32.36 -24.00 -7.48
N SER B 290 -32.88 -23.29 -6.49
CA SER B 290 -34.04 -22.43 -6.73
C SER B 290 -33.69 -21.22 -7.62
N THR B 291 -32.48 -20.69 -7.48
CA THR B 291 -32.05 -19.61 -8.33
C THR B 291 -31.91 -20.05 -9.78
N ALA B 292 -31.34 -21.24 -10.00
CA ALA B 292 -31.18 -21.76 -11.35
C ALA B 292 -32.51 -22.08 -12.03
N HIS B 293 -33.49 -22.54 -11.25
CA HIS B 293 -34.82 -22.81 -11.78
C HIS B 293 -35.44 -21.51 -12.35
N ILE B 294 -35.34 -20.43 -11.59
CA ILE B 294 -35.83 -19.10 -12.01
C ILE B 294 -35.10 -18.61 -13.27
N VAL B 295 -33.78 -18.58 -13.21
CA VAL B 295 -32.92 -18.20 -14.34
C VAL B 295 -33.11 -19.14 -15.55
N GLY B 296 -33.04 -20.45 -15.30
CA GLY B 296 -33.22 -21.45 -16.36
C GLY B 296 -34.54 -21.31 -17.10
N ASP B 297 -35.62 -21.11 -16.35
CA ASP B 297 -36.96 -21.01 -16.94
C ASP B 297 -37.06 -19.75 -17.77
N TRP B 298 -36.49 -18.65 -17.26
CA TRP B 298 -36.50 -17.39 -17.99
C TRP B 298 -35.72 -17.50 -19.29
N LEU B 299 -34.52 -18.06 -19.21
CA LEU B 299 -33.66 -18.22 -20.38
C LEU B 299 -34.31 -19.03 -21.50
N ARG B 300 -34.92 -20.16 -21.15
CA ARG B 300 -35.62 -21.01 -22.13
C ARG B 300 -36.79 -20.26 -22.74
N GLU B 301 -37.52 -19.55 -21.90
CA GLU B 301 -38.60 -18.67 -22.35
C GLU B 301 -38.07 -17.60 -23.31
N ALA B 302 -36.91 -17.03 -22.96
CA ALA B 302 -36.21 -16.01 -23.78
C ALA B 302 -35.68 -16.54 -25.11
N HIS B 303 -35.14 -17.77 -25.10
CA HIS B 303 -34.60 -18.39 -26.32
C HIS B 303 -35.68 -18.90 -27.27
N ALA B 304 -36.91 -18.96 -26.79
CA ALA B 304 -38.06 -19.25 -27.63
C ALA B 304 -38.74 -17.96 -28.05
S DMS C . 22.94 5.90 3.94
O DMS C . 21.71 6.74 4.96
C1 DMS C . 23.17 4.17 4.47
C2 DMS C . 22.34 5.61 2.24
C FMT D . 17.07 11.90 7.35
O1 FMT D . 17.81 11.15 8.02
O2 FMT D . 17.34 12.48 6.28
S DMS E . -17.95 -14.80 -3.24
O DMS E . -17.14 -13.31 -3.81
C1 DMS E . -17.08 -16.25 -3.89
C2 DMS E . -17.66 -14.99 -1.46
C FMT F . -19.48 -6.23 -6.63
O1 FMT F . -20.29 -6.22 -5.70
O2 FMT F . -19.45 -7.13 -7.50
#